data_6CWA
#
_entry.id   6CWA
#
_cell.length_a   43.110
_cell.length_b   59.620
_cell.length_c   63.480
_cell.angle_alpha   89.64
_cell.angle_beta   89.83
_cell.angle_gamma   79.36
#
_symmetry.space_group_name_H-M   'P 1'
#
loop_
_entity.id
_entity.type
_entity.pdbx_description
1 polymer 'D-3-phosphoglycerate dehydrogenase'
2 non-polymer '3-PHOSPHOGLYCERIC ACID'
3 non-polymer '1,4-DIHYDRONICOTINAMIDE ADENINE DINUCLEOTIDE'
4 water water
#
_entity_poly.entity_id   1
_entity_poly.type   'polypeptide(L)'
_entity_poly.pdbx_seq_one_letter_code
;SGVDLGTENLYFQSMANLRKVLISDSLDPCCRKILQDGGLQVVEKQNLSKEELIAELQDCEGLIVRSATKVTADVINAAE
KLQVVGRAGTGVDNVDLEAATRKGILVMNTPNGNSLSAAELTCGMIMCLARQIPQATASMKDGKWERKKFMGTELNGKTL
GILGLGRIGREVATRMQSFGMKTIGYDPIISPEVSASFGVQQLPLEEIWPLCDFITVHTPLLPSTTGLLNDNTFAQCKKG
VRVVNCARGGIVDEGALLRALQSGQCAGAALDVFTEEPPRDRALVDHENVISCPHLGASTKEAQSRCGEEIAVQFVDMVK
GKSLTGV
;
_entity_poly.pdbx_strand_id   A,B
#
# COMPACT_ATOMS: atom_id res chain seq x y z
N ARG A 19 35.69 -18.07 -15.16
CA ARG A 19 36.68 -18.06 -14.10
C ARG A 19 36.74 -16.70 -13.40
N LYS A 20 36.49 -15.62 -14.14
CA LYS A 20 36.36 -14.29 -13.57
C LYS A 20 35.02 -13.64 -13.95
N VAL A 21 34.39 -12.96 -12.99
CA VAL A 21 33.06 -12.37 -13.20
C VAL A 21 32.99 -10.91 -12.76
N LEU A 22 32.47 -10.05 -13.64
CA LEU A 22 32.22 -8.66 -13.29
C LEU A 22 30.76 -8.46 -12.85
N ILE A 23 30.56 -7.69 -11.79
CA ILE A 23 29.23 -7.28 -11.38
C ILE A 23 29.11 -5.77 -11.61
N SER A 24 28.23 -5.37 -12.52
CA SER A 24 28.23 -4.00 -13.02
C SER A 24 27.19 -3.10 -12.38
N ASP A 25 26.25 -3.69 -11.65
CA ASP A 25 25.18 -2.88 -11.08
C ASP A 25 25.05 -3.02 -9.57
N SER A 26 23.93 -2.53 -9.06
CA SER A 26 23.72 -2.44 -7.62
C SER A 26 23.14 -3.73 -7.09
N LEU A 27 24.01 -4.66 -6.72
CA LEU A 27 23.57 -5.95 -6.23
C LEU A 27 23.89 -6.20 -4.77
N ASP A 28 23.02 -6.96 -4.11
CA ASP A 28 23.25 -7.43 -2.76
C ASP A 28 24.62 -8.10 -2.63
N PRO A 29 25.31 -7.88 -1.50
CA PRO A 29 26.63 -8.45 -1.24
C PRO A 29 26.69 -9.98 -1.38
N CYS A 30 25.56 -10.65 -1.16
CA CYS A 30 25.51 -12.11 -1.21
C CYS A 30 25.91 -12.66 -2.58
N CYS A 31 25.73 -11.87 -3.63
CA CYS A 31 26.03 -12.33 -4.99
C CYS A 31 27.54 -12.55 -5.19
N ARG A 32 28.33 -11.59 -4.73
CA ARG A 32 29.79 -11.69 -4.82
C ARG A 32 30.30 -12.84 -3.96
N LYS A 33 29.73 -12.96 -2.76
CA LYS A 33 30.12 -14.00 -1.81
C LYS A 33 29.92 -15.41 -2.36
N ILE A 34 28.73 -15.68 -2.92
CA ILE A 34 28.42 -17.00 -3.45
C ILE A 34 29.34 -17.35 -4.61
N LEU A 35 29.57 -16.39 -5.50
CA LEU A 35 30.44 -16.59 -6.66
C LEU A 35 31.86 -17.01 -6.28
N GLN A 36 32.31 -16.66 -5.08
CA GLN A 36 33.69 -16.98 -4.68
C GLN A 36 33.78 -18.30 -3.93
N ASP A 37 32.69 -18.70 -3.29
CA ASP A 37 32.59 -20.02 -2.69
C ASP A 37 32.68 -21.09 -3.78
N GLY A 38 32.18 -20.75 -4.96
CA GLY A 38 32.24 -21.64 -6.11
C GLY A 38 33.59 -21.63 -6.80
N GLY A 39 34.46 -20.74 -6.33
CA GLY A 39 35.83 -20.66 -6.83
C GLY A 39 36.06 -19.66 -7.94
N LEU A 40 35.25 -18.59 -7.98
CA LEU A 40 35.41 -17.57 -9.01
C LEU A 40 35.95 -16.26 -8.43
N GLN A 41 36.70 -15.52 -9.26
CA GLN A 41 37.15 -14.19 -8.89
C GLN A 41 36.07 -13.18 -9.26
N VAL A 42 36.02 -12.06 -8.55
CA VAL A 42 34.96 -11.08 -8.76
C VAL A 42 35.49 -9.64 -8.82
N VAL A 43 34.70 -8.77 -9.43
CA VAL A 43 35.02 -7.35 -9.52
C VAL A 43 33.74 -6.56 -9.71
N GLU A 44 33.37 -5.78 -8.69
CA GLU A 44 32.04 -5.19 -8.65
C GLU A 44 32.01 -3.66 -8.78
N LYS A 45 32.48 -3.15 -9.91
CA LYS A 45 32.43 -1.71 -10.17
C LYS A 45 31.07 -1.28 -10.73
N GLN A 46 30.39 -0.40 -10.02
CA GLN A 46 29.08 0.07 -10.44
C GLN A 46 29.16 1.32 -11.32
N ASN A 47 28.07 1.58 -12.05
CA ASN A 47 27.95 2.75 -12.92
C ASN A 47 29.19 3.04 -13.77
N LEU A 48 29.58 2.08 -14.58
CA LEU A 48 30.75 2.24 -15.44
C LEU A 48 30.34 2.85 -16.78
N SER A 49 31.32 3.35 -17.51
CA SER A 49 31.09 3.90 -18.86
C SER A 49 31.34 2.82 -19.91
N LYS A 50 30.90 3.06 -21.13
CA LYS A 50 31.06 2.09 -22.22
C LYS A 50 32.52 1.69 -22.40
N GLU A 51 33.41 2.67 -22.28
CA GLU A 51 34.84 2.41 -22.35
C GLU A 51 35.34 1.71 -21.08
N GLU A 52 34.91 2.22 -19.93
CA GLU A 52 35.36 1.71 -18.63
C GLU A 52 34.71 0.38 -18.24
N LEU A 53 33.72 -0.06 -19.03
CA LEU A 53 33.09 -1.35 -18.80
C LEU A 53 33.77 -2.42 -19.64
N ILE A 54 33.73 -2.21 -20.96
CA ILE A 54 34.30 -3.13 -21.92
C ILE A 54 35.78 -3.41 -21.61
N ALA A 55 36.48 -2.39 -21.11
CA ALA A 55 37.85 -2.57 -20.64
C ALA A 55 37.89 -3.50 -19.44
N GLU A 56 36.92 -3.36 -18.53
CA GLU A 56 36.84 -4.21 -17.36
C GLU A 56 36.15 -5.55 -17.69
N LEU A 57 35.77 -5.72 -18.94
CA LEU A 57 35.14 -6.97 -19.37
C LEU A 57 36.16 -7.87 -20.08
N GLN A 58 37.33 -7.30 -20.35
CA GLN A 58 38.36 -7.96 -21.15
C GLN A 58 38.88 -9.26 -20.53
N ASP A 59 38.95 -9.30 -19.20
CA ASP A 59 39.46 -10.48 -18.51
C ASP A 59 38.37 -11.27 -17.81
N CYS A 60 37.11 -10.99 -18.15
CA CYS A 60 35.97 -11.65 -17.49
C CYS A 60 35.16 -12.52 -18.46
N GLU A 61 34.81 -13.71 -18.01
CA GLU A 61 33.95 -14.62 -18.76
C GLU A 61 32.48 -14.43 -18.39
N GLY A 62 32.25 -13.66 -17.32
CA GLY A 62 30.90 -13.44 -16.84
C GLY A 62 30.58 -12.00 -16.48
N LEU A 63 29.35 -11.61 -16.77
CA LEU A 63 28.85 -10.28 -16.45
C LEU A 63 27.51 -10.39 -15.72
N ILE A 64 27.34 -9.61 -14.66
CA ILE A 64 26.08 -9.60 -13.92
C ILE A 64 25.54 -8.19 -13.80
N VAL A 65 24.24 -8.05 -14.08
CA VAL A 65 23.60 -6.75 -14.14
C VAL A 65 22.21 -6.78 -13.52
N ARG A 66 21.64 -5.60 -13.31
CA ARG A 66 20.21 -5.44 -13.08
C ARG A 66 19.64 -4.87 -14.35
N SER A 67 19.27 -3.59 -14.32
CA SER A 67 18.77 -2.92 -15.52
C SER A 67 19.64 -1.71 -15.90
N ALA A 68 20.45 -1.24 -14.95
CA ALA A 68 21.31 -0.08 -15.17
C ALA A 68 22.35 -0.29 -16.27
N THR A 69 23.07 -1.42 -16.23
CA THR A 69 24.08 -1.69 -17.23
C THR A 69 23.40 -2.17 -18.51
N LYS A 70 23.73 -1.52 -19.63
CA LYS A 70 23.11 -1.85 -20.91
C LYS A 70 23.99 -2.78 -21.75
N VAL A 71 23.48 -3.99 -21.99
CA VAL A 71 24.27 -5.00 -22.69
C VAL A 71 23.88 -5.08 -24.18
N THR A 72 24.33 -4.07 -24.94
CA THR A 72 24.05 -4.00 -26.37
C THR A 72 24.95 -4.95 -27.14
N ALA A 73 24.65 -5.15 -28.41
CA ALA A 73 25.46 -5.95 -29.30
C ALA A 73 26.91 -5.46 -29.33
N ASP A 74 27.07 -4.14 -29.34
CA ASP A 74 28.40 -3.54 -29.35
C ASP A 74 29.18 -3.90 -28.09
N VAL A 75 28.46 -4.01 -26.97
CA VAL A 75 29.09 -4.38 -25.71
C VAL A 75 29.43 -5.86 -25.75
N ILE A 76 28.49 -6.67 -26.23
CA ILE A 76 28.66 -8.12 -26.34
C ILE A 76 29.80 -8.52 -27.28
N ASN A 77 29.88 -7.89 -28.44
CA ASN A 77 30.90 -8.23 -29.43
C ASN A 77 32.31 -7.87 -28.98
N ALA A 78 32.42 -6.80 -28.19
CA ALA A 78 33.71 -6.30 -27.72
C ALA A 78 34.33 -7.19 -26.67
N ALA A 79 33.50 -7.84 -25.86
CA ALA A 79 33.99 -8.73 -24.82
C ALA A 79 34.24 -10.11 -25.41
N GLU A 80 35.43 -10.30 -25.97
CA GLU A 80 35.80 -11.54 -26.62
C GLU A 80 35.73 -12.74 -25.69
N LYS A 81 35.99 -12.51 -24.42
CA LYS A 81 36.06 -13.61 -23.45
C LYS A 81 34.70 -13.86 -22.79
N LEU A 82 33.72 -13.01 -23.06
CA LEU A 82 32.41 -13.13 -22.44
C LEU A 82 31.77 -14.47 -22.75
N GLN A 83 31.37 -15.19 -21.70
CA GLN A 83 30.69 -16.48 -21.85
C GLN A 83 29.25 -16.45 -21.36
N VAL A 84 28.97 -15.60 -20.38
CA VAL A 84 27.66 -15.59 -19.75
C VAL A 84 27.26 -14.20 -19.24
N VAL A 85 26.00 -13.85 -19.47
CA VAL A 85 25.43 -12.62 -18.94
C VAL A 85 24.31 -13.02 -18.00
N GLY A 86 24.41 -12.58 -16.74
CA GLY A 86 23.39 -12.88 -15.76
C GLY A 86 22.59 -11.64 -15.38
N ARG A 87 21.28 -11.76 -15.38
CA ARG A 87 20.41 -10.64 -15.01
C ARG A 87 19.74 -10.92 -13.67
N ALA A 88 20.00 -10.07 -12.68
CA ALA A 88 19.36 -10.22 -11.37
C ALA A 88 17.97 -9.61 -11.38
N GLY A 89 17.02 -10.33 -11.99
CA GLY A 89 15.64 -9.90 -12.11
C GLY A 89 14.94 -10.74 -13.17
N THR A 90 13.72 -10.33 -13.54
N THR A 90 13.71 -10.35 -13.52
CA THR A 90 12.95 -11.04 -14.56
CA THR A 90 12.96 -11.01 -14.59
C THR A 90 13.22 -10.34 -15.90
C THR A 90 13.27 -10.35 -15.91
N GLY A 91 12.90 -11.00 -17.01
CA GLY A 91 13.10 -10.38 -18.32
C GLY A 91 14.55 -10.22 -18.74
N VAL A 92 14.75 -9.89 -20.01
CA VAL A 92 16.07 -9.68 -20.58
C VAL A 92 16.17 -8.31 -21.26
N ASP A 93 15.37 -7.37 -20.78
CA ASP A 93 15.21 -6.07 -21.43
C ASP A 93 16.49 -5.28 -21.65
N ASN A 94 17.44 -5.35 -20.73
CA ASN A 94 18.69 -4.63 -20.91
C ASN A 94 19.79 -5.49 -21.53
N VAL A 95 19.44 -6.64 -22.09
CA VAL A 95 20.41 -7.56 -22.72
C VAL A 95 20.04 -7.97 -24.15
N ASP A 96 20.95 -7.78 -25.09
CA ASP A 96 20.71 -8.18 -26.48
C ASP A 96 20.74 -9.70 -26.63
N LEU A 97 19.58 -10.33 -26.53
CA LEU A 97 19.49 -11.78 -26.59
C LEU A 97 19.92 -12.30 -27.96
N GLU A 98 19.67 -11.51 -28.99
CA GLU A 98 20.05 -11.89 -30.36
C GLU A 98 21.57 -11.91 -30.51
N ALA A 99 22.22 -10.84 -30.09
CA ALA A 99 23.67 -10.75 -30.16
C ALA A 99 24.36 -11.86 -29.35
N ALA A 100 23.87 -12.09 -28.15
CA ALA A 100 24.46 -13.12 -27.27
C ALA A 100 24.43 -14.51 -27.90
N THR A 101 23.30 -14.87 -28.50
CA THR A 101 23.14 -16.17 -29.13
C THR A 101 24.05 -16.27 -30.34
N ARG A 102 24.23 -15.15 -31.02
CA ARG A 102 25.07 -15.10 -32.22
C ARG A 102 26.55 -15.27 -31.87
N LYS A 103 26.86 -15.22 -30.58
CA LYS A 103 28.24 -15.42 -30.12
C LYS A 103 28.34 -16.59 -29.14
N GLY A 104 27.27 -17.37 -29.01
CA GLY A 104 27.29 -18.53 -28.14
C GLY A 104 27.33 -18.20 -26.65
N ILE A 105 26.94 -16.98 -26.31
CA ILE A 105 26.93 -16.53 -24.91
C ILE A 105 25.60 -16.86 -24.24
N LEU A 106 25.66 -17.55 -23.09
CA LEU A 106 24.46 -17.88 -22.35
C LEU A 106 23.91 -16.65 -21.63
N VAL A 107 22.59 -16.53 -21.63
CA VAL A 107 21.95 -15.48 -20.87
C VAL A 107 21.05 -16.10 -19.82
N MET A 108 21.28 -15.72 -18.56
CA MET A 108 20.48 -16.23 -17.47
C MET A 108 19.84 -15.10 -16.66
N ASN A 109 18.73 -15.43 -15.99
CA ASN A 109 18.06 -14.47 -15.12
C ASN A 109 17.53 -15.09 -13.84
N THR A 110 16.74 -14.34 -13.08
CA THR A 110 16.20 -14.83 -11.83
C THR A 110 14.69 -14.59 -11.79
N PRO A 111 13.93 -15.50 -12.41
CA PRO A 111 12.48 -15.32 -12.61
C PRO A 111 11.66 -15.41 -11.33
N ASN A 112 12.20 -15.98 -10.25
CA ASN A 112 11.42 -16.19 -9.01
C ASN A 112 11.79 -15.26 -7.85
N GLY A 113 12.93 -14.59 -8.00
CA GLY A 113 13.52 -13.83 -6.92
C GLY A 113 12.75 -12.64 -6.41
N ASN A 114 12.06 -11.95 -7.31
CA ASN A 114 11.40 -10.73 -6.90
C ASN A 114 9.89 -10.75 -7.08
N SER A 115 9.32 -11.93 -7.31
CA SER A 115 7.88 -12.04 -7.51
C SER A 115 7.08 -11.51 -6.32
N LEU A 116 7.46 -11.87 -5.10
CA LEU A 116 6.71 -11.40 -3.92
C LEU A 116 6.73 -9.89 -3.75
N SER A 117 7.90 -9.27 -3.95
CA SER A 117 8.00 -7.83 -3.79
C SER A 117 7.13 -7.11 -4.81
N ALA A 118 7.05 -7.65 -6.03
CA ALA A 118 6.21 -7.06 -7.06
C ALA A 118 4.74 -7.21 -6.68
N ALA A 119 4.38 -8.38 -6.17
CA ALA A 119 3.00 -8.62 -5.75
C ALA A 119 2.63 -7.68 -4.58
N GLU A 120 3.54 -7.51 -3.63
CA GLU A 120 3.28 -6.63 -2.50
C GLU A 120 3.08 -5.19 -2.94
N LEU A 121 3.94 -4.73 -3.84
CA LEU A 121 3.80 -3.36 -4.34
C LEU A 121 2.47 -3.18 -5.05
N THR A 122 2.09 -4.18 -5.86
CA THR A 122 0.81 -4.13 -6.58
C THR A 122 -0.35 -3.94 -5.60
N CYS A 123 -0.32 -4.72 -4.52
CA CYS A 123 -1.37 -4.62 -3.52
C CYS A 123 -1.37 -3.25 -2.88
N GLY A 124 -0.18 -2.71 -2.58
CA GLY A 124 -0.12 -1.37 -2.02
C GLY A 124 -0.72 -0.33 -2.97
N MET A 125 -0.48 -0.51 -4.26
CA MET A 125 -1.02 0.39 -5.29
CA MET A 125 -1.03 0.44 -5.23
C MET A 125 -2.54 0.36 -5.28
N ILE A 126 -3.09 -0.85 -5.16
CA ILE A 126 -4.55 -0.99 -5.14
C ILE A 126 -5.11 -0.19 -3.96
N MET A 127 -4.52 -0.36 -2.78
CA MET A 127 -4.96 0.35 -1.59
CA MET A 127 -4.92 0.36 -1.57
C MET A 127 -4.80 1.86 -1.74
N CYS A 128 -3.69 2.28 -2.34
CA CYS A 128 -3.47 3.70 -2.56
C CYS A 128 -4.49 4.30 -3.48
N LEU A 129 -4.90 3.55 -4.52
CA LEU A 129 -5.97 4.01 -5.41
C LEU A 129 -7.33 4.10 -4.72
N ALA A 130 -7.64 3.09 -3.90
CA ALA A 130 -8.93 3.08 -3.23
C ALA A 130 -9.09 4.25 -2.29
N ARG A 131 -8.00 4.65 -1.63
CA ARG A 131 -8.11 5.64 -0.57
C ARG A 131 -7.31 6.92 -0.81
N GLN A 132 -6.70 7.01 -2.00
CA GLN A 132 -5.94 8.20 -2.40
C GLN A 132 -4.88 8.61 -1.39
N ILE A 133 -4.14 7.64 -0.88
CA ILE A 133 -3.19 7.97 0.17
C ILE A 133 -2.04 8.88 -0.34
N PRO A 134 -1.49 8.62 -1.54
CA PRO A 134 -0.41 9.53 -1.98
C PRO A 134 -0.87 10.96 -2.12
N GLN A 135 -2.07 11.13 -2.67
CA GLN A 135 -2.65 12.47 -2.83
C GLN A 135 -2.97 13.13 -1.50
N ALA A 136 -3.46 12.33 -0.54
CA ALA A 136 -3.79 12.86 0.77
C ALA A 136 -2.52 13.31 1.52
N THR A 137 -1.44 12.52 1.42
CA THR A 137 -0.19 12.94 2.02
C THR A 137 0.31 14.23 1.36
N ALA A 138 0.15 14.33 0.04
CA ALA A 138 0.63 15.51 -0.66
C ALA A 138 -0.13 16.72 -0.17
N SER A 139 -1.44 16.55 -0.01
CA SER A 139 -2.32 17.62 0.50
C SER A 139 -1.90 18.07 1.90
N MET A 140 -1.69 17.10 2.78
CA MET A 140 -1.24 17.39 4.15
C MET A 140 0.08 18.16 4.15
N LYS A 141 1.03 17.73 3.32
CA LYS A 141 2.34 18.40 3.26
C LYS A 141 2.24 19.79 2.65
N ASP A 142 1.18 20.04 1.89
CA ASP A 142 0.91 21.36 1.34
C ASP A 142 0.14 22.24 2.34
N GLY A 143 0.00 21.75 3.57
CA GLY A 143 -0.64 22.52 4.63
C GLY A 143 -2.16 22.45 4.67
N LYS A 144 -2.74 21.59 3.84
CA LYS A 144 -4.19 21.47 3.75
C LYS A 144 -4.78 20.36 4.61
N TRP A 145 -6.05 20.54 4.94
CA TRP A 145 -6.85 19.56 5.66
C TRP A 145 -8.16 19.34 4.90
N GLU A 146 -8.12 18.42 3.93
CA GLU A 146 -9.17 18.26 2.92
C GLU A 146 -9.95 16.96 3.03
N ARG A 147 -10.77 16.79 4.07
CA ARG A 147 -11.42 15.50 4.31
C ARG A 147 -12.41 15.07 3.22
N LYS A 148 -13.25 16.00 2.76
CA LYS A 148 -14.28 15.68 1.77
C LYS A 148 -13.70 15.26 0.42
N LYS A 149 -12.65 15.96 -0.01
CA LYS A 149 -11.99 15.70 -1.29
C LYS A 149 -11.55 14.25 -1.45
N PHE A 150 -11.23 13.60 -0.33
CA PHE A 150 -10.59 12.30 -0.41
C PHE A 150 -11.46 11.15 0.06
N MET A 151 -12.78 11.35 0.02
CA MET A 151 -13.73 10.25 0.19
C MET A 151 -13.33 9.10 -0.71
N GLY A 152 -13.15 7.93 -0.13
CA GLY A 152 -12.59 6.84 -0.89
C GLY A 152 -13.51 5.65 -1.05
N THR A 153 -12.91 4.50 -1.33
CA THR A 153 -13.66 3.30 -1.66
C THR A 153 -13.24 2.15 -0.77
N GLU A 154 -14.22 1.46 -0.21
CA GLU A 154 -13.99 0.24 0.54
C GLU A 154 -13.77 -0.93 -0.42
N LEU A 155 -12.73 -1.74 -0.18
CA LEU A 155 -12.40 -2.82 -1.10
C LEU A 155 -13.31 -4.06 -0.93
N ASN A 156 -13.76 -4.27 0.30
CA ASN A 156 -14.63 -5.42 0.59
C ASN A 156 -15.79 -5.51 -0.40
N GLY A 157 -15.89 -6.66 -1.07
CA GLY A 157 -16.98 -6.91 -2.01
C GLY A 157 -16.77 -6.41 -3.45
N LYS A 158 -15.70 -5.66 -3.68
CA LYS A 158 -15.37 -5.15 -5.00
C LYS A 158 -14.70 -6.22 -5.87
N THR A 159 -14.77 -6.04 -7.18
CA THR A 159 -14.16 -7.02 -8.08
C THR A 159 -12.82 -6.54 -8.61
N LEU A 160 -11.81 -7.38 -8.44
CA LEU A 160 -10.49 -7.15 -8.97
C LEU A 160 -10.27 -8.11 -10.14
N GLY A 161 -9.96 -7.56 -11.31
CA GLY A 161 -9.60 -8.35 -12.46
C GLY A 161 -8.09 -8.47 -12.57
N ILE A 162 -7.63 -9.71 -12.74
CA ILE A 162 -6.20 -9.97 -12.81
C ILE A 162 -5.82 -10.61 -14.16
N LEU A 163 -5.10 -9.86 -14.98
CA LEU A 163 -4.72 -10.33 -16.29
C LEU A 163 -3.28 -10.79 -16.22
N GLY A 164 -3.09 -12.09 -16.32
CA GLY A 164 -1.79 -12.69 -16.09
C GLY A 164 -1.84 -13.37 -14.73
N LEU A 165 -1.88 -14.70 -14.75
CA LEU A 165 -2.03 -15.49 -13.53
C LEU A 165 -0.83 -16.40 -13.32
N GLY A 166 0.37 -15.86 -13.59
CA GLY A 166 1.61 -16.57 -13.32
C GLY A 166 2.07 -16.31 -11.90
N ARG A 167 3.38 -16.11 -11.73
CA ARG A 167 3.97 -15.98 -10.39
C ARG A 167 3.34 -14.85 -9.59
N ILE A 168 3.28 -13.69 -10.21
CA ILE A 168 2.85 -12.54 -9.47
C ILE A 168 1.32 -12.46 -9.40
N GLY A 169 0.63 -12.72 -10.51
CA GLY A 169 -0.82 -12.62 -10.51
C GLY A 169 -1.50 -13.43 -9.40
N ARG A 170 -1.03 -14.65 -9.18
CA ARG A 170 -1.67 -15.51 -8.17
C ARG A 170 -1.36 -15.02 -6.74
N GLU A 171 -0.20 -14.40 -6.54
CA GLU A 171 0.16 -13.89 -5.23
CA GLU A 171 0.16 -13.89 -5.23
C GLU A 171 -0.65 -12.63 -4.92
N VAL A 172 -0.87 -11.80 -5.94
CA VAL A 172 -1.74 -10.65 -5.78
C VAL A 172 -3.15 -11.11 -5.40
N ALA A 173 -3.63 -12.13 -6.12
CA ALA A 173 -4.96 -12.66 -5.87
C ALA A 173 -5.21 -13.08 -4.41
N THR A 174 -4.32 -13.88 -3.86
CA THR A 174 -4.61 -14.40 -2.52
C THR A 174 -4.56 -13.30 -1.47
N ARG A 175 -3.72 -12.29 -1.67
CA ARG A 175 -3.69 -11.18 -0.72
C ARG A 175 -4.98 -10.36 -0.80
N MET A 176 -5.40 -9.99 -2.00
CA MET A 176 -6.59 -9.14 -2.12
C MET A 176 -7.87 -9.90 -1.76
N GLN A 177 -7.84 -11.22 -1.91
CA GLN A 177 -8.95 -12.04 -1.40
C GLN A 177 -9.15 -11.86 0.11
N SER A 178 -8.07 -11.59 0.86
CA SER A 178 -8.21 -11.42 2.31
C SER A 178 -8.97 -10.13 2.64
N PHE A 179 -9.06 -9.26 1.64
CA PHE A 179 -9.81 -8.01 1.78
C PHE A 179 -11.26 -8.19 1.38
N GLY A 180 -11.63 -9.42 1.04
CA GLY A 180 -12.97 -9.70 0.60
C GLY A 180 -13.20 -9.24 -0.84
N MET A 181 -12.14 -9.13 -1.63
CA MET A 181 -12.33 -8.80 -3.04
C MET A 181 -12.67 -10.06 -3.83
N LYS A 182 -13.60 -9.95 -4.75
CA LYS A 182 -13.81 -11.02 -5.71
C LYS A 182 -12.67 -10.92 -6.72
N THR A 183 -11.97 -12.02 -6.96
CA THR A 183 -10.85 -11.96 -7.91
C THR A 183 -11.17 -12.78 -9.15
N ILE A 184 -11.32 -12.10 -10.28
CA ILE A 184 -11.54 -12.75 -11.57
C ILE A 184 -10.34 -12.45 -12.46
N GLY A 185 -10.26 -13.15 -13.59
CA GLY A 185 -9.08 -12.94 -14.42
C GLY A 185 -9.01 -13.75 -15.69
N TYR A 186 -7.87 -13.66 -16.34
CA TYR A 186 -7.66 -14.32 -17.63
C TYR A 186 -6.17 -14.59 -17.83
N ASP A 187 -5.87 -15.78 -18.33
CA ASP A 187 -4.51 -16.18 -18.67
C ASP A 187 -4.61 -17.32 -19.68
N PRO A 188 -4.02 -17.13 -20.88
CA PRO A 188 -4.18 -18.10 -21.99
C PRO A 188 -3.62 -19.49 -21.72
N ILE A 189 -2.72 -19.65 -20.75
CA ILE A 189 -2.14 -20.97 -20.49
C ILE A 189 -2.52 -21.54 -19.12
N ILE A 190 -3.19 -20.74 -18.30
CA ILE A 190 -3.68 -21.25 -17.03
C ILE A 190 -5.14 -21.70 -17.20
N SER A 191 -5.45 -22.93 -16.82
CA SER A 191 -6.82 -23.46 -17.00
C SER A 191 -7.75 -22.86 -15.93
N PRO A 192 -9.05 -22.82 -16.22
CA PRO A 192 -10.02 -22.33 -15.23
C PRO A 192 -9.98 -23.13 -13.92
N GLU A 193 -9.74 -24.42 -14.03
CA GLU A 193 -9.62 -25.30 -12.87
C GLU A 193 -8.42 -24.93 -11.99
N VAL A 194 -7.29 -24.67 -12.64
CA VAL A 194 -6.08 -24.29 -11.92
C VAL A 194 -6.25 -22.91 -11.24
N SER A 195 -6.79 -21.92 -11.95
CA SER A 195 -6.93 -20.61 -11.30
C SER A 195 -7.91 -20.70 -10.11
N ALA A 196 -8.96 -21.51 -10.25
CA ALA A 196 -9.91 -21.72 -9.16
C ALA A 196 -9.23 -22.23 -7.89
N SER A 197 -8.13 -22.96 -8.07
CA SER A 197 -7.41 -23.52 -6.93
C SER A 197 -6.71 -22.42 -6.13
N PHE A 198 -6.49 -21.24 -6.73
CA PHE A 198 -6.05 -20.09 -5.92
C PHE A 198 -7.07 -18.95 -6.00
N GLY A 199 -8.33 -19.33 -6.20
CA GLY A 199 -9.46 -18.44 -5.99
C GLY A 199 -9.71 -17.40 -7.05
N VAL A 200 -9.18 -17.61 -8.24
CA VAL A 200 -9.41 -16.67 -9.34
C VAL A 200 -10.34 -17.31 -10.36
N GLN A 201 -11.51 -16.71 -10.54
CA GLN A 201 -12.45 -17.21 -11.52
C GLN A 201 -12.08 -16.68 -12.90
N GLN A 202 -11.78 -17.58 -13.84
CA GLN A 202 -11.46 -17.13 -15.18
C GLN A 202 -12.68 -16.99 -16.08
N LEU A 203 -12.68 -15.90 -16.83
CA LEU A 203 -13.72 -15.59 -17.80
C LEU A 203 -13.05 -15.07 -19.07
N PRO A 204 -13.77 -15.11 -20.20
CA PRO A 204 -13.28 -14.46 -21.43
C PRO A 204 -13.03 -13.00 -21.18
N LEU A 205 -12.04 -12.41 -21.85
CA LEU A 205 -11.71 -11.01 -21.63
C LEU A 205 -12.90 -10.08 -21.72
N GLU A 206 -13.78 -10.35 -22.69
CA GLU A 206 -14.92 -9.48 -22.96
C GLU A 206 -15.87 -9.39 -21.78
N GLU A 207 -15.97 -10.47 -21.01
CA GLU A 207 -16.86 -10.51 -19.86
C GLU A 207 -16.20 -9.88 -18.64
N ILE A 208 -14.89 -9.77 -18.66
CA ILE A 208 -14.15 -9.24 -17.52
C ILE A 208 -14.31 -7.72 -17.39
N TRP A 209 -14.15 -6.98 -18.48
CA TRP A 209 -14.13 -5.52 -18.42
C TRP A 209 -15.35 -4.92 -17.66
N PRO A 210 -16.59 -5.33 -18.01
CA PRO A 210 -17.72 -4.65 -17.34
C PRO A 210 -17.88 -5.02 -15.86
N LEU A 211 -17.22 -6.07 -15.40
CA LEU A 211 -17.34 -6.53 -14.01
C LEU A 211 -16.37 -5.83 -13.05
N CYS A 212 -15.30 -5.26 -13.56
CA CYS A 212 -14.19 -4.87 -12.69
C CYS A 212 -14.31 -3.49 -12.05
N ASP A 213 -14.01 -3.43 -10.76
CA ASP A 213 -13.80 -2.17 -10.07
C ASP A 213 -12.31 -1.79 -10.14
N PHE A 214 -11.45 -2.80 -10.10
CA PHE A 214 -10.02 -2.61 -10.24
C PHE A 214 -9.51 -3.62 -11.27
N ILE A 215 -8.51 -3.20 -12.04
CA ILE A 215 -7.84 -4.11 -12.97
C ILE A 215 -6.33 -4.00 -12.81
N THR A 216 -5.66 -5.15 -12.75
CA THR A 216 -4.21 -5.15 -12.61
C THR A 216 -3.60 -6.13 -13.61
N VAL A 217 -2.45 -5.79 -14.17
CA VAL A 217 -1.86 -6.62 -15.23
C VAL A 217 -0.53 -7.24 -14.78
N HIS A 218 -0.35 -8.51 -15.10
CA HIS A 218 0.85 -9.23 -14.68
C HIS A 218 1.29 -10.19 -15.76
N THR A 219 1.44 -9.64 -16.95
CA THR A 219 1.85 -10.40 -18.13
C THR A 219 3.23 -9.96 -18.59
N PRO A 220 3.89 -10.75 -19.46
CA PRO A 220 5.03 -10.15 -20.13
C PRO A 220 4.56 -9.12 -21.15
N LEU A 221 5.49 -8.34 -21.71
CA LEU A 221 5.19 -7.49 -22.86
C LEU A 221 5.36 -8.27 -24.15
N LEU A 222 4.24 -8.49 -24.85
CA LEU A 222 4.19 -9.26 -26.09
C LEU A 222 3.28 -8.54 -27.07
N PRO A 223 3.28 -8.95 -28.35
CA PRO A 223 2.27 -8.40 -29.25
C PRO A 223 0.84 -8.54 -28.72
N SER A 224 0.51 -9.67 -28.10
CA SER A 224 -0.85 -9.86 -27.59
C SER A 224 -1.14 -9.03 -26.35
N THR A 225 -0.11 -8.56 -25.65
CA THR A 225 -0.35 -7.82 -24.42
C THR A 225 -0.02 -6.33 -24.50
N THR A 226 0.58 -5.90 -25.61
CA THR A 226 0.82 -4.47 -25.83
C THR A 226 -0.53 -3.79 -26.12
N GLY A 227 -0.94 -2.89 -25.23
CA GLY A 227 -2.24 -2.26 -25.36
C GLY A 227 -3.38 -3.23 -25.09
N LEU A 228 -3.14 -4.20 -24.21
CA LEU A 228 -4.19 -5.07 -23.67
C LEU A 228 -5.34 -4.22 -23.13
N LEU A 229 -5.01 -3.13 -22.45
CA LEU A 229 -6.00 -2.10 -22.15
C LEU A 229 -5.81 -0.96 -23.14
N ASN A 230 -6.87 -0.63 -23.88
CA ASN A 230 -6.80 0.37 -24.93
C ASN A 230 -8.10 1.19 -24.93
N ASP A 231 -8.34 2.01 -25.94
CA ASP A 231 -9.54 2.85 -25.93
C ASP A 231 -10.79 1.99 -25.91
N ASN A 232 -10.74 0.86 -26.62
CA ASN A 232 -11.88 0.00 -26.76
C ASN A 232 -12.20 -0.79 -25.50
N THR A 233 -11.17 -1.24 -24.78
CA THR A 233 -11.45 -2.01 -23.58
C THR A 233 -11.83 -1.06 -22.45
N PHE A 234 -11.24 0.14 -22.44
CA PHE A 234 -11.66 1.15 -21.46
C PHE A 234 -13.15 1.51 -21.64
N ALA A 235 -13.63 1.52 -22.90
CA ALA A 235 -15.03 1.81 -23.20
C ALA A 235 -15.98 0.69 -22.71
N GLN A 236 -15.43 -0.52 -22.56
CA GLN A 236 -16.22 -1.65 -22.06
C GLN A 236 -16.16 -1.77 -20.53
N CYS A 237 -15.33 -0.94 -19.91
CA CYS A 237 -15.17 -1.00 -18.46
C CYS A 237 -16.27 -0.21 -17.75
N LYS A 238 -16.44 -0.50 -16.46
CA LYS A 238 -17.26 0.30 -15.57
C LYS A 238 -16.77 1.74 -15.58
N LYS A 239 -17.68 2.70 -15.64
CA LYS A 239 -17.27 4.08 -15.44
C LYS A 239 -16.65 4.17 -14.06
N GLY A 240 -15.40 4.63 -13.99
CA GLY A 240 -14.72 4.77 -12.71
C GLY A 240 -13.80 3.61 -12.34
N VAL A 241 -13.54 2.71 -13.29
CA VAL A 241 -12.58 1.63 -13.05
C VAL A 241 -11.21 2.21 -12.69
N ARG A 242 -10.47 1.53 -11.82
CA ARG A 242 -9.12 1.93 -11.49
C ARG A 242 -8.15 0.84 -11.91
N VAL A 243 -7.00 1.26 -12.42
CA VAL A 243 -6.11 0.35 -13.13
C VAL A 243 -4.71 0.42 -12.56
N VAL A 244 -4.06 -0.74 -12.44
CA VAL A 244 -2.69 -0.83 -11.96
C VAL A 244 -1.79 -1.51 -12.98
N ASN A 245 -0.63 -0.91 -13.25
CA ASN A 245 0.40 -1.62 -14.04
C ASN A 245 1.73 -1.63 -13.30
N CYS A 246 2.01 -2.75 -12.64
CA CYS A 246 3.33 -3.01 -12.08
C CYS A 246 4.03 -4.13 -12.84
N ALA A 247 3.74 -4.23 -14.14
CA ALA A 247 4.34 -5.28 -14.95
C ALA A 247 5.40 -4.77 -15.94
N ARG A 248 4.94 -4.35 -17.13
CA ARG A 248 5.80 -3.71 -18.12
C ARG A 248 5.06 -2.54 -18.75
N GLY A 249 5.77 -1.46 -19.03
CA GLY A 249 5.16 -0.31 -19.66
C GLY A 249 4.64 -0.68 -21.04
N GLY A 250 3.45 -0.20 -21.37
CA GLY A 250 2.89 -0.48 -22.68
C GLY A 250 1.76 -1.49 -22.66
N ILE A 251 1.67 -2.28 -21.59
CA ILE A 251 0.59 -3.28 -21.51
C ILE A 251 -0.72 -2.52 -21.44
N VAL A 252 -0.71 -1.43 -20.66
CA VAL A 252 -1.80 -0.47 -20.67
C VAL A 252 -1.38 0.64 -21.61
N ASP A 253 -2.15 0.84 -22.67
CA ASP A 253 -1.87 1.87 -23.68
C ASP A 253 -1.90 3.22 -23.00
N GLU A 254 -0.76 3.91 -23.01
CA GLU A 254 -0.63 5.10 -22.18
C GLU A 254 -1.50 6.24 -22.67
N GLY A 255 -1.64 6.38 -23.99
CA GLY A 255 -2.51 7.40 -24.53
C GLY A 255 -3.98 7.12 -24.18
N ALA A 256 -4.38 5.85 -24.31
CA ALA A 256 -5.75 5.46 -23.98
C ALA A 256 -6.05 5.70 -22.51
N LEU A 257 -5.09 5.34 -21.66
CA LEU A 257 -5.24 5.54 -20.22
C LEU A 257 -5.49 7.03 -19.92
N LEU A 258 -4.69 7.89 -20.55
CA LEU A 258 -4.82 9.33 -20.35
C LEU A 258 -6.19 9.84 -20.79
N ARG A 259 -6.65 9.39 -21.95
CA ARG A 259 -7.96 9.79 -22.44
C ARG A 259 -9.07 9.34 -21.47
N ALA A 260 -8.96 8.12 -20.95
CA ALA A 260 -9.91 7.59 -19.97
C ALA A 260 -9.90 8.38 -18.64
N LEU A 261 -8.71 8.77 -18.19
CA LEU A 261 -8.59 9.57 -16.99
C LEU A 261 -9.22 10.96 -17.22
N GLN A 262 -9.01 11.49 -18.42
CA GLN A 262 -9.48 12.85 -18.71
C GLN A 262 -11.00 12.88 -18.84
N SER A 263 -11.60 11.80 -19.33
CA SER A 263 -13.05 11.73 -19.47
C SER A 263 -13.71 11.31 -18.16
N GLY A 264 -12.94 10.66 -17.30
CA GLY A 264 -13.47 10.08 -16.07
C GLY A 264 -13.86 8.61 -16.18
N GLN A 265 -13.77 8.02 -17.37
CA GLN A 265 -14.04 6.60 -17.53
C GLN A 265 -13.11 5.79 -16.62
N CYS A 266 -11.87 6.24 -16.48
CA CYS A 266 -10.92 5.69 -15.51
C CYS A 266 -10.82 6.68 -14.36
N ALA A 267 -11.00 6.20 -13.14
CA ALA A 267 -11.02 7.08 -11.98
C ALA A 267 -9.63 7.30 -11.40
N GLY A 268 -8.70 6.42 -11.74
CA GLY A 268 -7.36 6.55 -11.23
C GLY A 268 -6.50 5.41 -11.74
N ALA A 269 -5.20 5.63 -11.74
CA ALA A 269 -4.27 4.60 -12.20
C ALA A 269 -3.01 4.63 -11.37
N ALA A 270 -2.39 3.46 -11.23
CA ALA A 270 -1.16 3.38 -10.48
C ALA A 270 -0.14 2.74 -11.40
N LEU A 271 0.98 3.43 -11.65
CA LEU A 271 1.97 2.94 -12.61
C LEU A 271 3.35 2.83 -12.00
N ASP A 272 3.93 1.63 -12.06
CA ASP A 272 5.32 1.42 -11.65
C ASP A 272 6.24 1.43 -12.88
N VAL A 273 5.66 1.28 -14.06
CA VAL A 273 6.43 1.04 -15.28
C VAL A 273 5.90 1.86 -16.44
N PHE A 274 6.77 2.16 -17.40
CA PHE A 274 6.43 3.07 -18.49
C PHE A 274 7.06 2.61 -19.80
N THR A 275 6.48 2.99 -20.93
CA THR A 275 7.06 2.60 -22.23
C THR A 275 8.44 3.22 -22.41
N GLU A 276 8.67 4.36 -21.76
CA GLU A 276 10.01 4.92 -21.68
C GLU A 276 10.34 5.19 -20.22
N GLU A 277 11.51 4.73 -19.75
CA GLU A 277 11.92 4.92 -18.35
C GLU A 277 13.30 5.58 -18.27
N PRO A 278 13.37 6.78 -17.65
CA PRO A 278 12.24 7.55 -17.13
C PRO A 278 11.37 8.12 -18.26
N PRO A 279 10.07 8.30 -18.00
CA PRO A 279 9.17 8.78 -19.05
C PRO A 279 9.39 10.24 -19.39
N ARG A 280 9.51 10.55 -20.66
CA ARG A 280 9.72 11.92 -21.10
C ARG A 280 8.38 12.62 -21.18
N ASP A 281 7.37 11.85 -21.55
CA ASP A 281 5.99 12.31 -21.57
C ASP A 281 5.48 12.33 -20.14
N ARG A 282 5.09 13.52 -19.67
CA ARG A 282 4.75 13.69 -18.26
C ARG A 282 3.26 13.74 -17.97
N ALA A 283 2.43 13.64 -19.02
CA ALA A 283 0.99 13.83 -18.86
C ALA A 283 0.35 12.86 -17.87
N LEU A 284 0.69 11.58 -17.96
CA LEU A 284 0.13 10.60 -17.03
C LEU A 284 0.63 10.84 -15.60
N VAL A 285 1.94 10.94 -15.43
CA VAL A 285 2.53 11.15 -14.10
C VAL A 285 1.98 12.41 -13.44
N ASP A 286 1.78 13.45 -14.25
CA ASP A 286 1.30 14.72 -13.73
C ASP A 286 -0.19 14.72 -13.41
N HIS A 287 -0.93 13.75 -13.91
CA HIS A 287 -2.37 13.72 -13.66
C HIS A 287 -2.67 13.51 -12.17
N GLU A 288 -3.66 14.24 -11.66
CA GLU A 288 -3.95 14.22 -10.24
C GLU A 288 -4.45 12.86 -9.75
N ASN A 289 -5.00 12.04 -10.66
CA ASN A 289 -5.54 10.73 -10.28
C ASN A 289 -4.56 9.60 -10.58
N VAL A 290 -3.33 9.95 -10.92
CA VAL A 290 -2.31 8.93 -11.17
C VAL A 290 -1.29 8.88 -10.05
N ILE A 291 -1.05 7.68 -9.53
CA ILE A 291 0.03 7.53 -8.57
CA ILE A 291 -0.05 7.39 -8.52
C ILE A 291 1.09 6.70 -9.26
N SER A 292 2.34 6.93 -8.88
CA SER A 292 3.47 6.33 -9.64
C SER A 292 4.71 6.07 -8.79
N CYS A 293 5.57 5.18 -9.30
CA CYS A 293 6.84 4.83 -8.70
C CYS A 293 7.84 4.68 -9.82
N PRO A 294 9.12 5.00 -9.57
CA PRO A 294 10.15 4.81 -10.58
C PRO A 294 10.63 3.35 -10.67
N HIS A 295 9.73 2.45 -11.09
CA HIS A 295 10.03 1.04 -11.30
C HIS A 295 10.59 0.37 -10.03
N LEU A 296 9.79 0.40 -8.98
CA LEU A 296 10.23 -0.12 -7.67
C LEU A 296 9.73 -1.52 -7.33
N GLY A 297 9.11 -2.20 -8.28
CA GLY A 297 8.45 -3.47 -8.01
C GLY A 297 9.37 -4.50 -7.38
N ALA A 298 10.64 -4.50 -7.81
CA ALA A 298 11.64 -5.45 -7.29
C ALA A 298 12.55 -4.79 -6.25
N SER A 299 12.24 -3.56 -5.88
CA SER A 299 13.16 -2.77 -5.07
C SER A 299 12.93 -2.94 -3.57
N THR A 300 13.21 -4.13 -3.07
CA THR A 300 13.30 -4.36 -1.63
C THR A 300 14.62 -5.00 -1.34
N LYS A 301 15.10 -4.79 -0.13
CA LYS A 301 16.35 -5.43 0.29
C LYS A 301 16.25 -6.93 0.11
N GLU A 302 15.07 -7.48 0.42
CA GLU A 302 14.87 -8.91 0.39
C GLU A 302 14.85 -9.48 -1.03
N ALA A 303 14.15 -8.80 -1.94
CA ALA A 303 14.09 -9.25 -3.33
C ALA A 303 15.49 -9.20 -3.92
N GLN A 304 16.22 -8.12 -3.61
CA GLN A 304 17.56 -7.97 -4.17
C GLN A 304 18.51 -9.05 -3.61
N SER A 305 18.36 -9.39 -2.34
CA SER A 305 19.12 -10.48 -1.76
C SER A 305 18.82 -11.80 -2.50
N ARG A 306 17.55 -12.08 -2.71
CA ARG A 306 17.16 -13.35 -3.35
C ARG A 306 17.65 -13.44 -4.79
N CYS A 307 17.45 -12.39 -5.59
CA CYS A 307 17.94 -12.41 -6.98
C CYS A 307 19.46 -12.45 -7.05
N GLY A 308 20.12 -11.80 -6.10
CA GLY A 308 21.57 -11.80 -6.08
C GLY A 308 22.08 -13.21 -5.94
N GLU A 309 21.47 -13.97 -5.04
CA GLU A 309 21.85 -15.36 -4.81
C GLU A 309 21.44 -16.26 -5.98
N GLU A 310 20.22 -16.10 -6.46
CA GLU A 310 19.70 -16.93 -7.54
C GLU A 310 20.62 -16.88 -8.77
N ILE A 311 21.18 -15.71 -9.08
CA ILE A 311 22.03 -15.60 -10.27
C ILE A 311 23.44 -16.15 -10.01
N ALA A 312 23.93 -16.00 -8.78
CA ALA A 312 25.25 -16.52 -8.43
C ALA A 312 25.27 -18.03 -8.54
N VAL A 313 24.23 -18.67 -7.99
CA VAL A 313 24.07 -20.11 -8.05
C VAL A 313 24.13 -20.62 -9.50
N GLN A 314 23.45 -19.91 -10.38
CA GLN A 314 23.44 -20.23 -11.80
C GLN A 314 24.83 -20.14 -12.43
N PHE A 315 25.64 -19.20 -11.95
CA PHE A 315 27.01 -19.04 -12.43
C PHE A 315 27.97 -20.13 -11.93
N VAL A 316 27.85 -20.46 -10.66
CA VAL A 316 28.74 -21.44 -10.04
C VAL A 316 28.68 -22.79 -10.77
N ASP A 317 27.49 -23.17 -11.22
CA ASP A 317 27.31 -24.40 -11.99
C ASP A 317 27.94 -24.27 -13.38
N ARG B 19 -39.50 13.79 17.23
CA ARG B 19 -40.36 14.23 16.14
C ARG B 19 -39.61 15.10 15.13
N LYS B 20 -38.63 15.86 15.61
CA LYS B 20 -37.75 16.63 14.73
C LYS B 20 -36.28 16.26 14.97
N VAL B 21 -35.51 16.14 13.89
CA VAL B 21 -34.11 15.71 14.00
C VAL B 21 -33.15 16.62 13.22
N LEU B 22 -32.11 17.10 13.88
CA LEU B 22 -31.06 17.88 13.23
C LEU B 22 -29.84 17.01 12.86
N ILE B 23 -29.31 17.21 11.66
CA ILE B 23 -28.06 16.59 11.24
C ILE B 23 -26.99 17.66 11.09
N SER B 24 -25.94 17.59 11.91
CA SER B 24 -25.00 18.70 12.02
C SER B 24 -23.66 18.49 11.29
N ASP B 25 -23.40 17.27 10.82
CA ASP B 25 -22.14 17.01 10.12
C ASP B 25 -22.41 16.43 8.73
N SER B 26 -21.35 15.90 8.10
CA SER B 26 -21.41 15.44 6.72
C SER B 26 -21.83 13.97 6.63
N LEU B 27 -23.12 13.72 6.47
CA LEU B 27 -23.67 12.37 6.41
C LEU B 27 -24.17 11.96 5.04
N ASP B 28 -24.10 10.66 4.76
CA ASP B 28 -24.69 10.07 3.56
C ASP B 28 -26.14 10.54 3.41
N PRO B 29 -26.57 10.82 2.16
CA PRO B 29 -27.94 11.28 1.90
C PRO B 29 -29.01 10.34 2.45
N CYS B 30 -28.69 9.04 2.54
CA CYS B 30 -29.66 8.04 2.99
C CYS B 30 -30.15 8.29 4.42
N CYS B 31 -29.36 8.99 5.22
CA CYS B 31 -29.72 9.22 6.62
C CYS B 31 -30.95 10.12 6.76
N ARG B 32 -30.97 11.21 6.00
CA ARG B 32 -32.12 12.12 6.01
C ARG B 32 -33.37 11.45 5.43
N LYS B 33 -33.19 10.71 4.34
CA LYS B 33 -34.28 10.01 3.69
C LYS B 33 -34.97 9.01 4.61
N ILE B 34 -34.16 8.18 5.29
CA ILE B 34 -34.68 7.12 6.15
C ILE B 34 -35.52 7.65 7.32
N LEU B 35 -35.05 8.74 7.94
CA LEU B 35 -35.75 9.36 9.07
C LEU B 35 -37.19 9.76 8.69
N GLN B 36 -37.43 9.92 7.40
CA GLN B 36 -38.73 10.32 6.89
C GLN B 36 -39.57 9.10 6.51
N ALA B 55 -28.91 26.59 19.46
CA ALA B 55 -28.97 27.34 18.21
C ALA B 55 -30.12 26.86 17.34
N GLU B 56 -29.78 26.02 16.35
CA GLU B 56 -30.78 25.41 15.48
C GLU B 56 -31.38 24.17 16.12
N LEU B 57 -31.01 23.92 17.37
CA LEU B 57 -31.44 22.74 18.10
C LEU B 57 -32.68 22.94 18.98
N GLN B 58 -33.16 24.18 19.07
CA GLN B 58 -34.23 24.54 19.99
C GLN B 58 -35.52 23.72 19.80
N ASP B 59 -35.82 23.33 18.57
CA ASP B 59 -37.04 22.59 18.28
C ASP B 59 -36.83 21.09 17.94
N CYS B 60 -35.66 20.54 18.28
CA CYS B 60 -35.35 19.15 17.92
C CYS B 60 -35.25 18.19 19.10
N GLU B 61 -35.85 17.00 18.94
CA GLU B 61 -35.74 15.94 19.94
C GLU B 61 -34.57 14.99 19.62
N GLY B 62 -34.02 15.11 18.42
CA GLY B 62 -32.93 14.25 18.00
C GLY B 62 -31.83 15.01 17.29
N LEU B 63 -30.59 14.61 17.57
CA LEU B 63 -29.41 15.22 16.95
C LEU B 63 -28.49 14.13 16.41
N ILE B 64 -27.96 14.33 15.22
CA ILE B 64 -27.04 13.35 14.63
C ILE B 64 -25.73 14.01 14.23
N VAL B 65 -24.61 13.38 14.59
CA VAL B 65 -23.29 13.97 14.37
C VAL B 65 -22.29 12.94 13.88
N ARG B 66 -21.12 13.40 13.46
CA ARG B 66 -19.97 12.52 13.30
C ARG B 66 -18.97 12.79 14.43
N SER B 67 -17.80 13.34 14.13
CA SER B 67 -16.83 13.68 15.17
C SER B 67 -16.48 15.17 15.12
N ALA B 68 -16.85 15.80 14.01
CA ALA B 68 -16.63 17.23 13.80
C ALA B 68 -17.37 18.09 14.82
N THR B 69 -18.64 17.78 15.05
CA THR B 69 -19.44 18.56 16.00
C THR B 69 -19.13 18.20 17.45
N LYS B 70 -18.85 19.20 18.26
CA LYS B 70 -18.54 18.99 19.66
C LYS B 70 -19.82 19.14 20.48
N VAL B 71 -20.28 18.05 21.09
CA VAL B 71 -21.50 18.07 21.87
C VAL B 71 -21.14 18.16 23.35
N THR B 72 -20.67 19.33 23.77
CA THR B 72 -20.20 19.56 25.12
C THR B 72 -21.34 19.72 26.11
N ALA B 73 -21.00 19.76 27.39
CA ALA B 73 -21.96 20.00 28.46
C ALA B 73 -22.76 21.27 28.24
N ASP B 74 -22.09 22.34 27.81
CA ASP B 74 -22.75 23.61 27.57
C ASP B 74 -23.78 23.51 26.44
N VAL B 75 -23.48 22.70 25.43
CA VAL B 75 -24.36 22.53 24.28
C VAL B 75 -25.62 21.72 24.61
N ILE B 76 -25.44 20.62 25.34
CA ILE B 76 -26.55 19.75 25.73
C ILE B 76 -27.59 20.49 26.57
N ASN B 77 -27.11 21.33 27.48
CA ASN B 77 -27.97 22.04 28.41
C ASN B 77 -28.90 23.05 27.74
N ALA B 78 -28.45 23.62 26.63
CA ALA B 78 -29.23 24.64 25.92
C ALA B 78 -30.44 24.03 25.21
N ALA B 79 -30.29 22.79 24.74
CA ALA B 79 -31.34 22.08 24.03
C ALA B 79 -32.28 21.35 24.99
N GLU B 80 -33.29 22.07 25.47
CA GLU B 80 -34.24 21.53 26.45
C GLU B 80 -35.00 20.29 25.95
N LYS B 81 -35.27 20.23 24.65
CA LYS B 81 -36.12 19.17 24.09
C LYS B 81 -35.36 17.93 23.62
N LEU B 82 -34.03 17.99 23.68
CA LEU B 82 -33.18 16.88 23.21
C LEU B 82 -33.45 15.56 23.96
N GLN B 83 -33.71 14.50 23.21
CA GLN B 83 -33.94 13.18 23.80
C GLN B 83 -32.85 12.18 23.44
N VAL B 84 -32.24 12.34 22.28
CA VAL B 84 -31.25 11.38 21.81
C VAL B 84 -30.22 12.06 20.92
N VAL B 85 -28.96 11.66 21.10
CA VAL B 85 -27.89 12.12 20.24
C VAL B 85 -27.32 10.89 19.57
N GLY B 86 -27.34 10.86 18.24
CA GLY B 86 -26.83 9.74 17.51
C GLY B 86 -25.53 10.11 16.81
N ARG B 87 -24.53 9.24 16.96
CA ARG B 87 -23.25 9.48 16.33
C ARG B 87 -23.12 8.48 15.19
N ALA B 88 -22.99 8.99 13.97
CA ALA B 88 -22.81 8.12 12.82
C ALA B 88 -21.35 7.71 12.73
N GLY B 89 -20.97 6.77 13.59
CA GLY B 89 -19.58 6.36 13.68
C GLY B 89 -19.30 5.51 14.90
N THR B 90 -18.01 5.35 15.21
CA THR B 90 -17.59 4.49 16.31
C THR B 90 -17.45 5.21 17.65
N GLY B 91 -16.59 6.23 17.70
CA GLY B 91 -16.38 6.90 18.96
C GLY B 91 -17.52 7.83 19.34
N VAL B 92 -17.59 8.14 20.63
CA VAL B 92 -18.53 9.10 21.15
C VAL B 92 -17.72 10.10 21.98
N ASP B 93 -16.43 10.16 21.66
CA ASP B 93 -15.46 11.02 22.35
C ASP B 93 -15.88 12.49 22.21
N ASN B 94 -16.57 12.79 21.11
CA ASN B 94 -17.04 14.14 20.85
C ASN B 94 -18.40 14.43 21.47
N VAL B 95 -18.84 13.55 22.36
CA VAL B 95 -20.13 13.74 23.03
C VAL B 95 -19.95 13.65 24.54
N ASP B 96 -20.42 14.68 25.25
CA ASP B 96 -20.35 14.71 26.70
C ASP B 96 -21.38 13.72 27.26
N LEU B 97 -20.92 12.49 27.49
CA LEU B 97 -21.79 11.42 27.97
C LEU B 97 -22.34 11.72 29.35
N GLU B 98 -21.55 12.44 30.16
CA GLU B 98 -21.97 12.82 31.51
C GLU B 98 -23.11 13.81 31.45
N ALA B 99 -22.95 14.84 30.62
CA ALA B 99 -23.98 15.85 30.42
C ALA B 99 -25.26 15.22 29.91
N ALA B 100 -25.12 14.31 28.94
CA ALA B 100 -26.26 13.62 28.37
C ALA B 100 -27.01 12.82 29.42
N THR B 101 -26.26 12.10 30.26
CA THR B 101 -26.84 11.25 31.28
C THR B 101 -27.59 12.07 32.33
N ARG B 102 -27.04 13.25 32.63
CA ARG B 102 -27.61 14.14 33.65
C ARG B 102 -28.93 14.79 33.18
N LYS B 103 -29.24 14.63 31.90
CA LYS B 103 -30.48 15.18 31.35
C LYS B 103 -31.36 14.11 30.72
N GLY B 104 -31.02 12.84 30.96
CA GLY B 104 -31.81 11.74 30.45
C GLY B 104 -31.71 11.53 28.95
N ILE B 105 -30.65 12.07 28.36
CA ILE B 105 -30.47 11.97 26.91
C ILE B 105 -29.76 10.68 26.52
N LEU B 106 -30.37 9.92 25.63
CA LEU B 106 -29.76 8.70 25.13
C LEU B 106 -28.66 9.06 24.14
N VAL B 107 -27.54 8.37 24.23
CA VAL B 107 -26.49 8.56 23.25
C VAL B 107 -26.26 7.23 22.54
N MET B 108 -26.37 7.23 21.22
CA MET B 108 -26.21 6.03 20.44
C MET B 108 -25.13 6.19 19.38
N ASN B 109 -24.53 5.09 18.97
CA ASN B 109 -23.57 5.13 17.88
C ASN B 109 -23.75 3.94 16.96
N THR B 110 -22.81 3.76 16.03
CA THR B 110 -22.86 2.67 15.07
C THR B 110 -21.48 2.02 15.09
N PRO B 111 -21.25 1.13 16.07
CA PRO B 111 -19.90 0.66 16.40
C PRO B 111 -19.24 -0.20 15.33
N ASN B 112 -20.01 -0.78 14.42
CA ASN B 112 -19.46 -1.68 13.40
C ASN B 112 -19.50 -1.10 11.99
N GLY B 113 -20.13 0.07 11.85
CA GLY B 113 -20.36 0.63 10.53
C GLY B 113 -19.14 0.98 9.70
N ASN B 114 -18.08 1.48 10.33
CA ASN B 114 -16.93 1.93 9.55
C ASN B 114 -15.65 1.17 9.91
N SER B 115 -15.82 0.07 10.64
CA SER B 115 -14.67 -0.72 11.11
C SER B 115 -13.82 -1.23 9.95
N LEU B 116 -14.47 -1.76 8.93
CA LEU B 116 -13.74 -2.32 7.79
C LEU B 116 -12.92 -1.27 7.06
N SER B 117 -13.50 -0.09 6.88
CA SER B 117 -12.80 0.94 6.14
C SER B 117 -11.56 1.41 6.90
N ALA B 118 -11.66 1.44 8.22
CA ALA B 118 -10.54 1.82 9.06
C ALA B 118 -9.45 0.76 8.96
N ALA B 119 -9.85 -0.50 9.00
CA ALA B 119 -8.87 -1.59 8.90
C ALA B 119 -8.21 -1.58 7.53
N GLU B 120 -8.97 -1.33 6.49
CA GLU B 120 -8.41 -1.28 5.13
C GLU B 120 -7.42 -0.10 5.01
N LEU B 121 -7.76 1.08 5.55
CA LEU B 121 -6.78 2.16 5.46
C LEU B 121 -5.49 1.81 6.24
N THR B 122 -5.65 1.20 7.41
CA THR B 122 -4.51 0.80 8.20
C THR B 122 -3.61 -0.11 7.39
N CYS B 123 -4.19 -1.07 6.67
CA CYS B 123 -3.35 -1.99 5.89
C CYS B 123 -2.65 -1.24 4.76
N GLY B 124 -3.35 -0.30 4.15
CA GLY B 124 -2.74 0.52 3.11
C GLY B 124 -1.59 1.38 3.62
N MET B 125 -1.68 1.82 4.87
CA MET B 125 -0.62 2.60 5.50
CA MET B 125 -0.60 2.61 5.44
C MET B 125 0.60 1.74 5.67
N ILE B 126 0.32 0.53 6.09
CA ILE B 126 1.41 -0.44 6.31
C ILE B 126 2.17 -0.68 5.01
N MET B 127 1.44 -0.92 3.92
CA MET B 127 2.08 -1.10 2.63
CA MET B 127 2.04 -1.07 2.60
C MET B 127 2.86 0.14 2.24
N CYS B 128 2.27 1.31 2.46
CA CYS B 128 2.90 2.59 2.12
C CYS B 128 4.19 2.83 2.90
N LEU B 129 4.22 2.42 4.16
CA LEU B 129 5.45 2.50 4.95
C LEU B 129 6.54 1.58 4.44
N ALA B 130 6.16 0.37 4.05
CA ALA B 130 7.15 -0.61 3.54
C ALA B 130 7.79 -0.16 2.22
N ARG B 131 7.01 0.50 1.37
CA ARG B 131 7.51 0.79 0.03
C ARG B 131 7.55 2.27 -0.33
N GLN B 132 7.13 3.15 0.58
CA GLN B 132 7.15 4.60 0.39
C GLN B 132 6.48 5.11 -0.90
N ILE B 133 5.28 4.60 -1.15
CA ILE B 133 4.54 4.95 -2.36
C ILE B 133 4.15 6.44 -2.40
N PRO B 134 3.69 7.01 -1.26
CA PRO B 134 3.32 8.43 -1.37
C PRO B 134 4.50 9.33 -1.72
N GLN B 135 5.67 9.03 -1.13
CA GLN B 135 6.90 9.79 -1.36
C GLN B 135 7.42 9.59 -2.79
N ALA B 136 7.30 8.36 -3.29
CA ALA B 136 7.73 8.05 -4.64
C ALA B 136 6.82 8.76 -5.64
N THR B 137 5.52 8.81 -5.36
CA THR B 137 4.63 9.56 -6.22
C THR B 137 5.00 11.05 -6.22
N ALA B 138 5.32 11.58 -5.04
CA ALA B 138 5.67 13.00 -4.95
C ALA B 138 6.93 13.27 -5.76
N SER B 139 7.89 12.35 -5.65
CA SER B 139 9.14 12.44 -6.40
C SER B 139 8.93 12.43 -7.91
N MET B 140 8.13 11.47 -8.38
CA MET B 140 7.80 11.37 -9.80
C MET B 140 7.17 12.63 -10.31
N LYS B 141 6.27 13.20 -9.52
CA LYS B 141 5.57 14.42 -9.93
C LYS B 141 6.50 15.64 -9.99
N ASP B 142 7.63 15.57 -9.30
CA ASP B 142 8.65 16.63 -9.39
C ASP B 142 9.60 16.39 -10.57
N GLY B 143 9.29 15.38 -11.37
CA GLY B 143 10.09 15.08 -12.55
C GLY B 143 11.28 14.18 -12.26
N LYS B 144 11.35 13.65 -11.04
CA LYS B 144 12.52 12.85 -10.62
C LYS B 144 12.34 11.37 -10.91
N TRP B 145 13.45 10.65 -11.04
CA TRP B 145 13.43 9.21 -11.19
C TRP B 145 14.45 8.65 -10.21
N GLU B 146 13.98 8.45 -8.97
CA GLU B 146 14.87 8.20 -7.83
C GLU B 146 14.81 6.78 -7.34
N ARG B 147 15.38 5.86 -8.11
CA ARG B 147 15.21 4.46 -7.79
C ARG B 147 15.86 4.03 -6.47
N LYS B 148 17.10 4.45 -6.24
CA LYS B 148 17.84 4.03 -5.05
C LYS B 148 17.19 4.54 -3.77
N LYS B 149 16.76 5.80 -3.78
CA LYS B 149 16.17 6.39 -2.58
C LYS B 149 15.02 5.58 -1.99
N PHE B 150 14.25 4.92 -2.86
CA PHE B 150 13.00 4.33 -2.39
C PHE B 150 13.04 2.81 -2.35
N MET B 151 14.25 2.27 -2.29
CA MET B 151 14.47 0.88 -1.92
C MET B 151 13.69 0.58 -0.64
N GLY B 152 12.90 -0.48 -0.67
CA GLY B 152 11.99 -0.74 0.43
C GLY B 152 12.14 -2.06 1.14
N THR B 153 11.03 -2.44 1.78
CA THR B 153 10.96 -3.59 2.66
C THR B 153 9.85 -4.53 2.23
N GLU B 154 10.17 -5.81 2.14
CA GLU B 154 9.18 -6.86 1.89
C GLU B 154 8.42 -7.20 3.19
N LEU B 155 7.11 -7.38 3.11
CA LEU B 155 6.32 -7.62 4.32
C LEU B 155 6.38 -9.05 4.81
N ASN B 156 6.52 -9.99 3.87
CA ASN B 156 6.57 -11.41 4.16
C ASN B 156 7.62 -11.73 5.23
N GLY B 157 7.20 -12.40 6.28
CA GLY B 157 8.11 -12.80 7.35
C GLY B 157 8.37 -11.76 8.43
N LYS B 158 7.84 -10.55 8.26
CA LYS B 158 7.98 -9.46 9.25
C LYS B 158 6.90 -9.57 10.33
N THR B 159 7.20 -9.00 11.50
CA THR B 159 6.28 -9.05 12.64
C THR B 159 5.53 -7.74 12.76
N LEU B 160 4.21 -7.87 12.83
CA LEU B 160 3.29 -6.74 13.07
C LEU B 160 2.75 -6.89 14.49
N GLY B 161 2.94 -5.87 15.32
CA GLY B 161 2.33 -5.83 16.64
C GLY B 161 1.05 -5.01 16.55
N ILE B 162 -0.05 -5.54 17.08
CA ILE B 162 -1.34 -4.90 17.02
C ILE B 162 -1.84 -4.63 18.44
N LEU B 163 -1.92 -3.36 18.81
CA LEU B 163 -2.33 -3.02 20.16
C LEU B 163 -3.78 -2.59 20.10
N GLY B 164 -4.65 -3.40 20.69
CA GLY B 164 -6.08 -3.23 20.55
C GLY B 164 -6.56 -4.30 19.58
N LEU B 165 -7.22 -5.32 20.11
CA LEU B 165 -7.67 -6.42 19.30
C LEU B 165 -9.17 -6.50 19.28
N GLY B 166 -9.84 -5.35 19.18
CA GLY B 166 -11.28 -5.32 19.05
C GLY B 166 -11.70 -5.42 17.59
N ARG B 167 -12.71 -4.65 17.21
CA ARG B 167 -13.28 -4.75 15.87
C ARG B 167 -12.26 -4.54 14.77
N ILE B 168 -11.47 -3.48 14.88
CA ILE B 168 -10.56 -3.14 13.80
C ILE B 168 -9.27 -3.96 13.88
N GLY B 169 -8.71 -4.11 15.08
CA GLY B 169 -7.47 -4.85 15.23
C GLY B 169 -7.48 -6.24 14.62
N ARG B 170 -8.57 -6.99 14.84
CA ARG B 170 -8.62 -8.36 14.32
C ARG B 170 -8.77 -8.38 12.80
N GLU B 171 -9.40 -7.36 12.24
CA GLU B 171 -9.52 -7.29 10.78
CA GLU B 171 -9.53 -7.27 10.78
C GLU B 171 -8.19 -6.95 10.12
N VAL B 172 -7.40 -6.09 10.75
CA VAL B 172 -6.05 -5.79 10.26
C VAL B 172 -5.20 -7.06 10.31
N ALA B 173 -5.33 -7.81 11.42
CA ALA B 173 -4.58 -9.04 11.58
C ALA B 173 -4.78 -10.05 10.44
N THR B 174 -6.03 -10.39 10.11
CA THR B 174 -6.27 -11.45 9.11
C THR B 174 -5.82 -11.00 7.72
N ARG B 175 -5.97 -9.71 7.44
CA ARG B 175 -5.49 -9.21 6.16
C ARG B 175 -3.97 -9.25 6.06
N MET B 176 -3.27 -8.77 7.08
CA MET B 176 -1.83 -8.70 7.00
C MET B 176 -1.23 -10.09 7.09
N GLN B 177 -1.96 -11.03 7.72
CA GLN B 177 -1.54 -12.44 7.69
C GLN B 177 -1.44 -12.99 6.25
N SER B 178 -2.25 -12.49 5.33
CA SER B 178 -2.23 -13.00 3.95
C SER B 178 -0.95 -12.57 3.25
N PHE B 179 -0.27 -11.57 3.81
CA PHE B 179 1.00 -11.11 3.30
C PHE B 179 2.17 -11.86 3.95
N GLY B 180 1.84 -12.82 4.81
CA GLY B 180 2.86 -13.59 5.53
C GLY B 180 3.48 -12.83 6.70
N MET B 181 2.78 -11.83 7.24
CA MET B 181 3.28 -11.18 8.45
C MET B 181 2.91 -12.00 9.67
N LYS B 182 3.83 -12.08 10.64
CA LYS B 182 3.51 -12.64 11.93
C LYS B 182 2.76 -11.57 12.71
N THR B 183 1.58 -11.92 13.24
CA THR B 183 0.81 -10.95 13.97
C THR B 183 0.74 -11.28 15.46
N ILE B 184 1.35 -10.41 16.27
CA ILE B 184 1.30 -10.51 17.72
C ILE B 184 0.56 -9.30 18.23
N GLY B 185 0.21 -9.29 19.50
CA GLY B 185 -0.59 -8.18 19.97
C GLY B 185 -0.92 -8.21 21.45
N TYR B 186 -1.74 -7.26 21.87
CA TYR B 186 -2.05 -7.09 23.28
C TYR B 186 -3.38 -6.38 23.40
N ASP B 187 -4.22 -6.87 24.30
CA ASP B 187 -5.50 -6.27 24.62
C ASP B 187 -5.91 -6.76 26.01
N PRO B 188 -6.12 -5.83 26.96
CA PRO B 188 -6.43 -6.21 28.35
C PRO B 188 -7.75 -6.98 28.54
N ILE B 189 -8.68 -6.90 27.61
CA ILE B 189 -9.95 -7.59 27.84
C ILE B 189 -10.19 -8.74 26.86
N ILE B 190 -9.39 -8.83 25.81
CA ILE B 190 -9.54 -9.90 24.85
C ILE B 190 -8.73 -11.10 25.31
N SER B 191 -9.38 -12.26 25.40
CA SER B 191 -8.68 -13.43 25.89
C SER B 191 -7.70 -13.96 24.85
N PRO B 192 -6.65 -14.66 25.29
CA PRO B 192 -5.73 -15.33 24.38
C PRO B 192 -6.44 -16.31 23.47
N GLU B 193 -7.49 -16.97 23.99
CA GLU B 193 -8.27 -17.89 23.17
C GLU B 193 -8.98 -17.17 22.00
N VAL B 194 -9.57 -16.02 22.28
CA VAL B 194 -10.25 -15.26 21.24
C VAL B 194 -9.24 -14.74 20.18
N SER B 195 -8.14 -14.13 20.62
CA SER B 195 -7.15 -13.62 19.65
C SER B 195 -6.52 -14.77 18.86
N ALA B 196 -6.36 -15.93 19.51
CA ALA B 196 -5.87 -17.09 18.79
C ALA B 196 -6.77 -17.47 17.63
N SER B 197 -8.08 -17.22 17.75
CA SER B 197 -9.04 -17.62 16.71
C SER B 197 -8.90 -16.76 15.45
N PHE B 198 -8.27 -15.59 15.57
CA PHE B 198 -7.90 -14.85 14.37
C PHE B 198 -6.38 -14.67 14.27
N GLY B 199 -5.65 -15.64 14.81
CA GLY B 199 -4.24 -15.81 14.51
C GLY B 199 -3.30 -14.81 15.15
N VAL B 200 -3.73 -14.21 16.26
CA VAL B 200 -2.88 -13.24 16.95
C VAL B 200 -2.42 -13.78 18.30
N GLN B 201 -1.11 -13.92 18.45
CA GLN B 201 -0.53 -14.34 19.72
C GLN B 201 -0.42 -13.15 20.65
N GLN B 202 -1.06 -13.21 21.80
CA GLN B 202 -0.94 -12.13 22.77
C GLN B 202 0.25 -12.31 23.69
N LEU B 203 0.93 -11.20 23.94
CA LEU B 203 2.07 -11.15 24.86
C LEU B 203 1.94 -9.91 25.75
N PRO B 204 2.64 -9.91 26.90
CA PRO B 204 2.73 -8.64 27.64
C PRO B 204 3.38 -7.56 26.78
N LEU B 205 3.01 -6.29 26.97
CA LEU B 205 3.56 -5.20 26.16
C LEU B 205 5.07 -5.18 26.13
N GLU B 206 5.69 -5.44 27.28
CA GLU B 206 7.13 -5.35 27.39
C GLU B 206 7.81 -6.36 26.45
N GLU B 207 7.13 -7.48 26.18
CA GLU B 207 7.67 -8.49 25.26
C GLU B 207 7.38 -8.16 23.80
N ILE B 208 6.40 -7.32 23.54
CA ILE B 208 6.02 -6.98 22.19
C ILE B 208 7.04 -6.04 21.52
N TRP B 209 7.44 -4.98 22.22
CA TRP B 209 8.27 -3.94 21.61
C TRP B 209 9.52 -4.48 20.87
N PRO B 210 10.32 -5.35 21.52
CA PRO B 210 11.52 -5.71 20.76
C PRO B 210 11.26 -6.61 19.57
N LEU B 211 10.07 -7.19 19.47
CA LEU B 211 9.78 -8.12 18.39
C LEU B 211 9.32 -7.49 17.08
N CYS B 212 8.79 -6.26 17.15
CA CYS B 212 8.01 -5.74 16.05
C CYS B 212 8.79 -5.03 14.97
N ASP B 213 8.47 -5.34 13.73
CA ASP B 213 8.94 -4.55 12.60
C ASP B 213 7.98 -3.41 12.35
N PHE B 214 6.70 -3.67 12.58
CA PHE B 214 5.62 -2.67 12.44
C PHE B 214 4.74 -2.67 13.67
N ILE B 215 4.20 -1.51 14.06
CA ILE B 215 3.26 -1.49 15.18
C ILE B 215 2.09 -0.65 14.78
N THR B 216 0.88 -1.12 15.05
CA THR B 216 -0.32 -0.38 14.72
C THR B 216 -1.22 -0.35 15.94
N VAL B 217 -1.90 0.78 16.16
CA VAL B 217 -2.71 0.90 17.38
C VAL B 217 -4.18 1.01 17.01
N HIS B 218 -5.02 0.31 17.77
CA HIS B 218 -6.44 0.27 17.50
C HIS B 218 -7.21 0.23 18.81
N THR B 219 -6.88 1.20 19.67
CA THR B 219 -7.50 1.32 20.99
C THR B 219 -8.34 2.58 21.07
N PRO B 220 -9.20 2.68 22.10
CA PRO B 220 -9.74 4.02 22.30
C PRO B 220 -8.64 4.92 22.86
N LEU B 221 -8.91 6.22 22.94
CA LEU B 221 -8.03 7.14 23.66
C LEU B 221 -8.43 7.20 25.13
N LEU B 222 -7.55 6.72 26.00
CA LEU B 222 -7.80 6.70 27.45
C LEU B 222 -6.51 7.17 28.10
N PRO B 223 -6.55 7.52 29.40
CA PRO B 223 -5.29 7.82 30.09
C PRO B 223 -4.28 6.67 29.95
N SER B 224 -4.77 5.44 29.99
CA SER B 224 -3.89 4.28 29.89
C SER B 224 -3.35 4.09 28.48
N THR B 225 -3.99 4.69 27.48
CA THR B 225 -3.52 4.55 26.09
C THR B 225 -2.91 5.85 25.56
N THR B 226 -2.95 6.92 26.34
CA THR B 226 -2.31 8.16 25.92
C THR B 226 -0.80 8.04 26.01
N GLY B 227 -0.14 8.13 24.87
CA GLY B 227 1.29 7.90 24.81
C GLY B 227 1.64 6.44 25.06
N LEU B 228 0.74 5.55 24.65
CA LEU B 228 0.97 4.12 24.63
C LEU B 228 2.31 3.85 23.96
N LEU B 229 2.58 4.58 22.89
CA LEU B 229 3.92 4.64 22.32
CA LEU B 229 3.92 4.65 22.32
C LEU B 229 4.53 5.99 22.72
N ASN B 230 5.56 5.94 23.54
CA ASN B 230 6.20 7.18 23.97
C ASN B 230 7.70 6.95 23.96
N ASP B 231 8.46 7.84 24.59
CA ASP B 231 9.91 7.71 24.58
C ASP B 231 10.36 6.42 25.22
N ASN B 232 9.70 6.04 26.32
CA ASN B 232 10.09 4.86 27.05
C ASN B 232 9.80 3.60 26.23
N THR B 233 8.68 3.58 25.52
CA THR B 233 8.40 2.39 24.72
C THR B 233 9.15 2.38 23.39
N PHE B 234 9.38 3.53 22.76
CA PHE B 234 10.23 3.55 21.56
C PHE B 234 11.63 3.03 21.88
N ALA B 235 12.11 3.30 23.10
CA ALA B 235 13.45 2.87 23.48
C ALA B 235 13.58 1.36 23.53
N GLN B 236 12.43 0.70 23.72
CA GLN B 236 12.40 -0.75 23.81
C GLN B 236 12.15 -1.41 22.44
N CYS B 237 11.92 -0.60 21.42
CA CYS B 237 11.59 -1.15 20.10
C CYS B 237 12.85 -1.53 19.32
N LYS B 238 12.65 -2.34 18.28
CA LYS B 238 13.67 -2.58 17.26
C LYS B 238 14.06 -1.28 16.62
N LYS B 239 15.35 -1.06 16.40
CA LYS B 239 15.78 0.10 15.61
C LYS B 239 15.19 0.00 14.20
N GLY B 240 14.47 1.04 13.78
CA GLY B 240 13.88 1.05 12.46
C GLY B 240 12.42 0.59 12.40
N VAL B 241 11.78 0.50 13.57
CA VAL B 241 10.39 0.12 13.63
C VAL B 241 9.56 1.14 12.85
N ARG B 242 8.46 0.67 12.25
CA ARG B 242 7.53 1.54 11.53
C ARG B 242 6.19 1.54 12.23
N VAL B 243 5.56 2.71 12.33
CA VAL B 243 4.46 2.83 13.24
C VAL B 243 3.26 3.40 12.53
N VAL B 244 2.07 2.86 12.81
CA VAL B 244 0.81 3.37 12.25
C VAL B 244 -0.17 3.76 13.35
N ASN B 245 -0.76 4.95 13.20
CA ASN B 245 -1.89 5.34 14.03
C ASN B 245 -3.10 5.78 13.18
N CYS B 246 -4.03 4.85 12.96
CA CYS B 246 -5.33 5.17 12.37
C CYS B 246 -6.43 5.05 13.42
N ALA B 247 -6.09 5.33 14.67
CA ALA B 247 -7.05 5.21 15.76
C ALA B 247 -7.44 6.57 16.31
N ARG B 248 -6.68 7.08 17.27
CA ARG B 248 -6.95 8.41 17.82
C ARG B 248 -5.64 9.16 18.03
N GLY B 249 -5.64 10.46 17.78
CA GLY B 249 -4.43 11.25 18.00
C GLY B 249 -4.04 11.26 19.48
N GLY B 250 -2.75 11.06 19.75
CA GLY B 250 -2.28 11.08 21.12
C GLY B 250 -1.93 9.71 21.66
N ILE B 251 -2.46 8.67 21.01
CA ILE B 251 -2.12 7.31 21.42
C ILE B 251 -0.62 7.12 21.19
N VAL B 252 -0.12 7.66 20.08
CA VAL B 252 1.31 7.75 19.84
C VAL B 252 1.73 9.16 20.26
N ASP B 253 2.60 9.27 21.25
CA ASP B 253 3.06 10.58 21.68
C ASP B 253 3.83 11.23 20.54
N GLU B 254 3.33 12.36 20.08
CA GLU B 254 3.84 12.98 18.86
C GLU B 254 5.25 13.54 19.06
N GLY B 255 5.52 14.03 20.26
CA GLY B 255 6.87 14.52 20.56
C GLY B 255 7.84 13.35 20.53
N ALA B 256 7.44 12.23 21.12
CA ALA B 256 8.30 11.03 21.13
C ALA B 256 8.52 10.46 19.72
N LEU B 257 7.44 10.44 18.93
CA LEU B 257 7.52 9.97 17.55
C LEU B 257 8.53 10.79 16.76
N LEU B 258 8.47 12.11 16.87
CA LEU B 258 9.42 12.97 16.15
C LEU B 258 10.86 12.65 16.58
N ARG B 259 11.10 12.52 17.88
CA ARG B 259 12.44 12.16 18.33
C ARG B 259 12.90 10.79 17.78
N ALA B 260 12.02 9.79 17.77
CA ALA B 260 12.37 8.47 17.22
C ALA B 260 12.68 8.55 15.74
N LEU B 261 11.91 9.36 15.02
CA LEU B 261 12.18 9.56 13.59
C LEU B 261 13.53 10.26 13.37
N GLN B 262 13.86 11.21 14.24
CA GLN B 262 15.08 12.00 14.08
C GLN B 262 16.32 11.15 14.30
N SER B 263 16.23 10.18 15.20
CA SER B 263 17.35 9.28 15.49
C SER B 263 17.45 8.09 14.54
N GLY B 264 16.35 7.76 13.89
CA GLY B 264 16.27 6.56 13.09
C GLY B 264 15.72 5.37 13.87
N GLN B 265 15.48 5.56 15.17
CA GLN B 265 14.86 4.51 15.98
C GLN B 265 13.50 4.14 15.37
N CYS B 266 12.78 5.13 14.86
CA CYS B 266 11.60 4.86 14.04
C CYS B 266 11.95 5.21 12.61
N ALA B 267 11.73 4.27 11.69
CA ALA B 267 12.09 4.47 10.29
C ALA B 267 11.00 5.16 9.48
N GLY B 268 9.77 5.18 10.02
CA GLY B 268 8.65 5.79 9.35
C GLY B 268 7.38 5.66 10.14
N ALA B 269 6.44 6.57 9.88
CA ALA B 269 5.18 6.55 10.59
C ALA B 269 4.08 6.98 9.64
N ALA B 270 2.89 6.42 9.83
CA ALA B 270 1.75 6.79 9.02
C ALA B 270 0.65 7.25 9.99
N LEU B 271 0.17 8.47 9.82
CA LEU B 271 -0.77 9.04 10.75
C LEU B 271 -2.05 9.50 10.07
N ASP B 272 -3.17 8.95 10.51
CA ASP B 272 -4.47 9.40 10.04
C ASP B 272 -5.02 10.39 11.03
N VAL B 273 -4.47 10.38 12.25
CA VAL B 273 -5.09 11.14 13.34
C VAL B 273 -4.02 11.91 14.11
N PHE B 274 -4.42 13.01 14.74
CA PHE B 274 -3.48 13.92 15.39
C PHE B 274 -4.09 14.43 16.67
N THR B 275 -3.23 14.81 17.61
CA THR B 275 -3.68 15.29 18.91
C THR B 275 -4.46 16.58 18.77
N GLU B 276 -4.16 17.33 17.71
CA GLU B 276 -4.95 18.49 17.30
C GLU B 276 -5.35 18.33 15.83
N GLU B 277 -6.63 18.51 15.51
CA GLU B 277 -7.06 18.34 14.11
C GLU B 277 -7.85 19.54 13.59
N PRO B 278 -7.34 20.23 12.55
CA PRO B 278 -6.04 19.97 11.91
C PRO B 278 -4.87 20.37 12.79
N PRO B 279 -3.73 19.68 12.63
CA PRO B 279 -2.57 19.96 13.47
C PRO B 279 -1.87 21.25 13.13
N ARG B 280 -1.59 22.05 14.15
CA ARG B 280 -0.93 23.35 13.94
C ARG B 280 0.58 23.15 13.91
N ASP B 281 1.08 22.18 14.67
CA ASP B 281 2.49 21.78 14.61
C ASP B 281 2.68 20.89 13.38
N ARG B 282 3.54 21.31 12.46
CA ARG B 282 3.69 20.62 11.17
C ARG B 282 4.92 19.71 11.10
N ALA B 283 5.68 19.63 12.18
CA ALA B 283 6.95 18.91 12.16
C ALA B 283 6.80 17.45 11.74
N LEU B 284 5.84 16.75 12.31
CA LEU B 284 5.60 15.36 11.93
C LEU B 284 5.13 15.25 10.49
N VAL B 285 4.09 15.99 10.12
CA VAL B 285 3.55 15.93 8.76
C VAL B 285 4.64 16.25 7.75
N ASP B 286 5.50 17.23 8.07
CA ASP B 286 6.54 17.65 7.15
C ASP B 286 7.72 16.68 7.06
N HIS B 287 7.83 15.73 7.98
CA HIS B 287 8.95 14.77 7.94
C HIS B 287 8.88 13.86 6.72
N GLU B 288 10.01 13.63 6.06
CA GLU B 288 10.01 12.88 4.81
C GLU B 288 9.58 11.41 5.00
N ASN B 289 9.75 10.89 6.21
CA ASN B 289 9.40 9.49 6.49
C ASN B 289 8.01 9.34 7.09
N VAL B 290 7.24 10.43 7.08
CA VAL B 290 5.87 10.41 7.58
C VAL B 290 4.84 10.53 6.46
N ILE B 291 3.94 9.57 6.47
CA ILE B 291 2.79 9.53 5.58
C ILE B 291 1.53 9.92 6.37
N SER B 292 0.63 10.68 5.77
CA SER B 292 -0.50 11.20 6.57
C SER B 292 -1.75 11.36 5.72
N CYS B 293 -2.88 11.43 6.41
CA CYS B 293 -4.19 11.67 5.80
C CYS B 293 -5.00 12.58 6.71
N PRO B 294 -5.92 13.36 6.16
CA PRO B 294 -6.69 14.13 7.13
C PRO B 294 -7.83 13.33 7.78
N HIS B 295 -7.51 12.32 8.60
CA HIS B 295 -8.54 11.55 9.32
C HIS B 295 -9.57 10.96 8.36
N LEU B 296 -9.09 10.09 7.47
CA LEU B 296 -9.91 9.49 6.42
C LEU B 296 -10.33 8.07 6.71
N GLY B 297 -10.03 7.59 7.92
CA GLY B 297 -10.25 6.20 8.27
C GLY B 297 -11.67 5.69 8.03
N ALA B 298 -12.66 6.55 8.26
CA ALA B 298 -14.04 6.13 8.03
C ALA B 298 -14.59 6.72 6.74
N SER B 299 -13.74 7.40 5.98
CA SER B 299 -14.17 8.18 4.83
C SER B 299 -14.20 7.38 3.54
N THR B 300 -15.11 6.42 3.49
CA THR B 300 -15.45 5.75 2.24
C THR B 300 -16.94 5.90 2.05
N LYS B 301 -17.38 5.88 0.79
CA LYS B 301 -18.80 5.95 0.49
C LYS B 301 -19.54 4.84 1.22
N GLU B 302 -18.94 3.67 1.29
CA GLU B 302 -19.62 2.51 1.89
C GLU B 302 -19.77 2.63 3.41
N ALA B 303 -18.71 3.06 4.08
CA ALA B 303 -18.75 3.21 5.53
C ALA B 303 -19.77 4.27 5.93
N GLN B 304 -19.78 5.39 5.20
CA GLN B 304 -20.68 6.49 5.53
C GLN B 304 -22.13 6.09 5.27
N SER B 305 -22.34 5.32 4.21
CA SER B 305 -23.66 4.79 3.90
C SER B 305 -24.18 3.89 5.03
N ARG B 306 -23.33 2.99 5.52
CA ARG B 306 -23.71 2.07 6.59
C ARG B 306 -24.00 2.81 7.89
N CYS B 307 -23.08 3.68 8.31
CA CYS B 307 -23.29 4.42 9.57
C CYS B 307 -24.50 5.34 9.47
N GLY B 308 -24.70 5.92 8.30
CA GLY B 308 -25.83 6.82 8.07
C GLY B 308 -27.16 6.09 8.19
N GLU B 309 -27.23 4.92 7.56
CA GLU B 309 -28.45 4.12 7.58
C GLU B 309 -28.68 3.56 8.97
N GLU B 310 -27.63 3.00 9.56
CA GLU B 310 -27.73 2.38 10.88
C GLU B 310 -28.25 3.33 11.97
N ILE B 311 -27.80 4.58 11.96
CA ILE B 311 -28.19 5.51 13.02
C ILE B 311 -29.62 6.03 12.77
N ALA B 312 -29.98 6.18 11.50
CA ALA B 312 -31.32 6.61 11.14
C ALA B 312 -32.34 5.56 11.58
N VAL B 313 -32.04 4.30 11.27
CA VAL B 313 -32.91 3.18 11.66
C VAL B 313 -33.14 3.16 13.16
N GLN B 314 -32.09 3.39 13.93
CA GLN B 314 -32.17 3.43 15.38
C GLN B 314 -33.12 4.52 15.88
N PHE B 315 -33.20 5.63 15.13
CA PHE B 315 -34.14 6.70 15.47
C PHE B 315 -35.56 6.25 15.11
#